data_2XDG
#
_entry.id   2XDG
#
_cell.length_a   31.648
_cell.length_b   31.648
_cell.length_c   287.138
_cell.angle_alpha   90.00
_cell.angle_beta   90.00
_cell.angle_gamma   120.00
#
_symmetry.space_group_name_H-M   'P 61'
#
loop_
_entity.id
_entity.type
_entity.pdbx_description
1 polymer 'GROWTH HORMONE-RELEASING HORMONE RECEPTOR'
2 non-polymer 'MAGNESIUM ION'
3 non-polymer 1,2-ETHANEDIOL
4 water water
#
_entity_poly.entity_id   1
_entity_poly.type   'polypeptide(L)'
_entity_poly.pdbx_seq_one_letter_code
;SMLREDESACLQAAEEMPQTTLGCPATWDGLLCWPTAGSGEWVTLPCPDFFSHFSSESGAVKRDCTITGWSEPFPPYPVA
CPVPLELLAEEE
;
_entity_poly.pdbx_strand_id   A,B
#
loop_
_chem_comp.id
_chem_comp.type
_chem_comp.name
_chem_comp.formula
EDO non-polymer 1,2-ETHANEDIOL 'C2 H6 O2'
MG non-polymer 'MAGNESIUM ION' 'Mg 2'
#
# COMPACT_ATOMS: atom_id res chain seq x y z
N MET A 2 -23.57 -13.45 2.79
CA MET A 2 -23.61 -13.12 4.25
C MET A 2 -22.20 -12.84 4.75
N LEU A 3 -22.07 -11.87 5.64
CA LEU A 3 -20.78 -11.51 6.24
C LEU A 3 -20.37 -12.53 7.33
N ARG A 4 -21.35 -13.10 8.04
CA ARG A 4 -21.13 -14.20 8.99
C ARG A 4 -20.63 -15.48 8.30
N GLU A 5 -20.98 -15.64 7.03
CA GLU A 5 -20.53 -16.76 6.19
C GLU A 5 -19.11 -16.52 5.64
N ASP A 6 -18.80 -15.26 5.31
CA ASP A 6 -17.42 -14.90 4.96
C ASP A 6 -16.53 -15.10 6.19
N GLU A 7 -17.02 -14.66 7.35
CA GLU A 7 -16.27 -14.77 8.60
C GLU A 7 -15.95 -16.22 8.86
N SER A 8 -17.00 -17.04 8.91
CA SER A 8 -16.86 -18.46 9.19
C SER A 8 -15.82 -19.09 8.25
N ALA A 9 -16.02 -18.95 6.93
CA ALA A 9 -15.13 -19.56 5.93
C ALA A 9 -13.66 -19.09 6.01
N CYS A 10 -13.46 -17.81 6.30
CA CYS A 10 -12.13 -17.26 6.58
C CYS A 10 -11.51 -17.92 7.79
N LEU A 11 -12.27 -18.01 8.87
CA LEU A 11 -11.76 -18.54 10.13
C LEU A 11 -11.42 -20.02 9.99
N GLN A 12 -12.33 -20.80 9.38
CA GLN A 12 -12.05 -22.23 9.10
C GLN A 12 -10.82 -22.42 8.18
N ALA A 13 -10.57 -21.47 7.29
CA ALA A 13 -9.37 -21.49 6.46
C ALA A 13 -8.13 -21.14 7.30
N ALA A 14 -8.30 -20.18 8.21
CA ALA A 14 -7.23 -19.62 9.05
C ALA A 14 -6.71 -20.63 10.10
N GLU A 15 -7.62 -21.48 10.61
CA GLU A 15 -7.30 -22.60 11.51
C GLU A 15 -6.61 -23.80 10.88
N GLU A 16 -6.54 -23.82 9.55
CA GLU A 16 -5.81 -24.86 8.83
C GLU A 16 -4.36 -24.44 8.49
N MET A 17 -3.95 -23.25 8.90
CA MET A 17 -2.59 -22.75 8.59
C MET A 17 -1.57 -23.36 9.54
N PRO A 18 -0.28 -23.39 9.12
CA PRO A 18 0.83 -23.78 10.01
C PRO A 18 0.81 -23.02 11.33
N GLN A 19 1.39 -23.63 12.36
CA GLN A 19 1.48 -23.00 13.69
C GLN A 19 2.47 -21.84 13.69
N THR A 20 3.67 -22.09 13.16
CA THR A 20 4.73 -21.10 13.14
C THR A 20 4.38 -19.92 12.23
N THR A 21 4.65 -18.70 12.73
CA THR A 21 4.45 -17.46 11.96
C THR A 21 5.71 -17.10 11.17
N LEU A 22 5.62 -17.29 9.86
CA LEU A 22 6.46 -16.63 8.86
C LEU A 22 5.56 -15.53 8.23
N GLY A 23 6.01 -14.29 8.26
CA GLY A 23 5.18 -13.18 7.78
C GLY A 23 3.98 -12.89 8.68
N CYS A 24 2.90 -12.42 8.08
CA CYS A 24 1.70 -12.03 8.78
C CYS A 24 0.60 -13.03 8.43
N PRO A 25 0.01 -13.69 9.44
CA PRO A 25 -0.99 -14.74 9.22
C PRO A 25 -2.26 -14.22 8.63
N ALA A 26 -2.92 -15.06 7.84
CA ALA A 26 -4.31 -14.83 7.48
C ALA A 26 -5.11 -14.39 8.70
N THR A 27 -6.06 -13.49 8.46
CA THR A 27 -6.83 -12.90 9.53
C THR A 27 -8.18 -12.32 8.99
N TRP A 28 -9.17 -12.37 9.83
CA TRP A 28 -10.53 -11.84 9.52
C TRP A 28 -10.69 -10.60 10.35
N ASP A 29 -10.84 -9.42 9.73
CA ASP A 29 -10.97 -8.16 10.48
C ASP A 29 -12.45 -7.73 10.73
N GLY A 30 -13.40 -8.58 10.32
CA GLY A 30 -14.84 -8.31 10.46
C GLY A 30 -15.53 -7.97 9.15
N LEU A 31 -14.75 -7.58 8.13
CA LEU A 31 -15.29 -7.34 6.80
C LEU A 31 -14.57 -8.20 5.74
N LEU A 32 -13.25 -8.26 5.85
CA LEU A 32 -12.43 -8.94 4.87
C LEU A 32 -11.58 -10.05 5.49
N CYS A 33 -11.35 -11.08 4.67
CA CYS A 33 -10.42 -12.13 4.93
C CYS A 33 -9.08 -11.71 4.33
N TRP A 34 -8.12 -11.40 5.17
CA TRP A 34 -6.78 -11.07 4.70
C TRP A 34 -5.95 -12.36 4.56
N PRO A 35 -5.43 -12.65 3.36
CA PRO A 35 -4.54 -13.82 3.24
C PRO A 35 -3.19 -13.66 3.96
N THR A 36 -2.47 -14.76 4.15
CA THR A 36 -1.09 -14.69 4.64
C THR A 36 -0.21 -13.93 3.66
N ALA A 37 0.70 -13.13 4.20
CA ALA A 37 1.65 -12.35 3.39
C ALA A 37 3.03 -12.44 3.98
N GLY A 38 4.03 -12.27 3.15
CA GLY A 38 5.41 -12.18 3.58
C GLY A 38 5.70 -10.79 4.11
N SER A 39 6.72 -10.69 4.98
CA SER A 39 7.26 -9.41 5.44
C SER A 39 7.66 -8.57 4.23
N GLY A 40 7.36 -7.28 4.30
CA GLY A 40 7.66 -6.36 3.24
C GLY A 40 6.79 -6.48 2.00
N GLU A 41 5.70 -7.26 2.08
CA GLU A 41 4.73 -7.30 1.03
C GLU A 41 3.49 -6.50 1.52
N TRP A 42 2.65 -6.09 0.58
CA TRP A 42 1.31 -5.62 0.97
C TRP A 42 0.31 -6.36 0.15
N VAL A 43 -0.93 -6.37 0.63
CA VAL A 43 -2.04 -7.01 -0.05
C VAL A 43 -3.11 -5.95 -0.28
N THR A 44 -3.68 -5.90 -1.49
CA THR A 44 -4.86 -5.06 -1.79
C THR A 44 -6.07 -5.94 -2.11
N LEU A 45 -7.18 -5.68 -1.44
CA LEU A 45 -8.41 -6.44 -1.63
C LEU A 45 -9.54 -5.54 -2.10
N PRO A 46 -10.50 -6.10 -2.87
CA PRO A 46 -11.68 -5.29 -3.13
C PRO A 46 -12.54 -5.11 -1.88
N CYS A 47 -13.43 -4.13 -1.91
CA CYS A 47 -14.47 -4.00 -0.89
C CYS A 47 -15.30 -5.29 -0.82
N PRO A 48 -15.89 -5.60 0.34
CA PRO A 48 -16.77 -6.77 0.40
C PRO A 48 -17.90 -6.72 -0.64
N ASP A 49 -18.52 -7.87 -0.83
CA ASP A 49 -19.53 -8.10 -1.88
C ASP A 49 -20.66 -7.06 -1.84
N PHE A 50 -21.11 -6.74 -0.63
CA PHE A 50 -22.22 -5.82 -0.46
C PHE A 50 -22.01 -4.49 -1.16
N PHE A 51 -20.74 -4.08 -1.29
CA PHE A 51 -20.41 -2.82 -1.90
C PHE A 51 -20.98 -2.76 -3.33
N SER A 52 -21.07 -3.94 -3.96
CA SER A 52 -21.68 -4.02 -5.29
C SER A 52 -23.10 -3.41 -5.36
N HIS A 53 -23.79 -3.22 -4.23
CA HIS A 53 -25.08 -2.53 -4.26
C HIS A 53 -24.91 -1.01 -4.32
N PHE A 54 -23.81 -0.50 -3.77
CA PHE A 54 -23.61 0.94 -3.64
C PHE A 54 -22.82 1.56 -4.81
N SER A 55 -22.10 0.73 -5.59
CA SER A 55 -21.14 1.25 -6.57
C SER A 55 -20.76 0.18 -7.59
N SER A 56 -20.54 0.59 -8.84
CA SER A 56 -20.01 -0.33 -9.87
C SER A 56 -18.45 -0.38 -9.85
N GLU A 57 -17.84 0.07 -8.76
CA GLU A 57 -16.42 -0.12 -8.47
C GLU A 57 -16.18 -1.35 -7.61
N SER A 58 -15.01 -1.96 -7.75
CA SER A 58 -14.54 -2.93 -6.76
C SER A 58 -14.24 -2.26 -5.42
N GLY A 59 -13.82 -1.00 -5.45
CA GLY A 59 -13.10 -0.41 -4.32
C GLY A 59 -11.75 -1.12 -4.14
N ALA A 60 -10.93 -0.61 -3.24
CA ALA A 60 -9.66 -1.23 -2.94
C ALA A 60 -9.19 -0.84 -1.56
N VAL A 61 -8.73 -1.86 -0.81
CA VAL A 61 -8.32 -1.74 0.56
C VAL A 61 -6.99 -2.44 0.77
N LYS A 62 -6.05 -1.75 1.39
CA LYS A 62 -4.69 -2.27 1.56
C LYS A 62 -4.35 -2.60 3.03
N ARG A 63 -3.62 -3.69 3.24
CA ARG A 63 -2.81 -3.86 4.45
C ARG A 63 -1.36 -4.09 4.09
N ASP A 64 -0.47 -3.67 4.98
CA ASP A 64 0.96 -3.93 4.82
C ASP A 64 1.37 -5.03 5.79
N CYS A 65 2.14 -6.01 5.30
CA CYS A 65 2.78 -6.97 6.20
C CYS A 65 4.19 -6.49 6.51
N THR A 66 4.38 -6.10 7.76
CA THR A 66 5.59 -5.46 8.22
C THR A 66 6.26 -6.44 9.18
N ILE A 67 7.55 -6.24 9.46
CA ILE A 67 8.20 -7.21 10.34
C ILE A 67 7.64 -7.13 11.75
N THR A 68 6.92 -6.06 12.09
CA THR A 68 6.23 -5.97 13.38
C THR A 68 4.72 -6.31 13.26
N GLY A 69 4.30 -6.90 12.15
CA GLY A 69 2.90 -7.28 11.96
C GLY A 69 2.14 -6.57 10.89
N TRP A 70 0.83 -6.81 10.89
CA TRP A 70 -0.03 -6.21 9.93
C TRP A 70 -0.28 -4.76 10.36
N SER A 71 -0.29 -3.87 9.37
CA SER A 71 -0.73 -2.51 9.56
C SER A 71 -2.27 -2.54 9.54
N GLU A 72 -2.86 -1.38 9.73
CA GLU A 72 -4.31 -1.25 9.74
C GLU A 72 -4.83 -1.22 8.31
N PRO A 73 -6.12 -1.52 8.10
CA PRO A 73 -6.60 -1.32 6.73
C PRO A 73 -6.53 0.14 6.27
N PHE A 74 -6.12 0.36 5.02
CA PHE A 74 -5.96 1.71 4.53
C PHE A 74 -6.54 1.77 3.11
N PRO A 75 -7.29 2.83 2.80
CA PRO A 75 -7.73 3.80 3.79
C PRO A 75 -8.77 3.15 4.72
N PRO A 76 -9.12 3.85 5.81
CA PRO A 76 -10.13 3.29 6.68
C PRO A 76 -11.44 2.96 5.93
N TYR A 77 -12.06 1.84 6.33
CA TYR A 77 -13.28 1.37 5.66
C TYR A 77 -14.34 2.40 5.25
N PRO A 78 -14.62 3.40 6.10
CA PRO A 78 -15.67 4.33 5.65
C PRO A 78 -15.24 5.23 4.47
N VAL A 79 -13.93 5.44 4.28
CA VAL A 79 -13.43 6.09 3.10
C VAL A 79 -13.36 5.08 1.95
N ALA A 80 -12.73 3.93 2.22
CA ALA A 80 -12.49 2.91 1.19
C ALA A 80 -13.77 2.33 0.60
N CYS A 81 -14.74 2.05 1.47
CA CYS A 81 -15.95 1.31 1.06
C CYS A 81 -17.19 2.05 1.61
N PRO A 82 -17.43 3.28 1.14
CA PRO A 82 -18.38 4.20 1.75
C PRO A 82 -19.82 3.76 1.54
N VAL A 83 -20.65 4.03 2.52
CA VAL A 83 -22.04 3.61 2.46
C VAL A 83 -22.87 4.84 2.17
N PRO A 84 -24.01 4.67 1.46
CA PRO A 84 -24.88 5.79 1.13
C PRO A 84 -25.17 6.65 2.36
N LEU A 85 -25.23 7.97 2.20
CA LEU A 85 -25.38 8.85 3.36
C LEU A 85 -26.78 8.75 3.99
N GLU A 86 -27.78 8.34 3.19
CA GLU A 86 -29.12 8.07 3.71
C GLU A 86 -29.05 6.99 4.80
N LEU A 87 -28.20 5.98 4.61
CA LEU A 87 -28.08 4.88 5.59
C LEU A 87 -27.63 5.35 6.97
N LEU A 88 -26.84 6.42 7.01
CA LEU A 88 -26.37 6.99 8.26
C LEU A 88 -27.18 8.23 8.69
N ALA A 89 -28.38 8.41 8.11
CA ALA A 89 -29.17 9.65 8.21
C ALA A 89 -28.30 10.91 8.34
N GLU A 90 -27.24 10.98 7.52
CA GLU A 90 -26.37 12.16 7.47
C GLU A 90 -26.84 13.12 6.35
N MET B 2 20.49 8.97 -14.68
CA MET B 2 21.26 9.27 -13.43
C MET B 2 20.41 10.02 -12.42
N LEU B 3 20.73 9.83 -11.14
CA LEU B 3 19.88 10.32 -10.04
C LEU B 3 19.86 11.85 -9.91
N ARG B 4 20.98 12.51 -10.19
CA ARG B 4 21.07 13.99 -10.10
C ARG B 4 20.08 14.68 -11.05
N GLU B 5 19.91 14.11 -12.24
CA GLU B 5 19.00 14.67 -13.24
C GLU B 5 17.54 14.43 -12.85
N ASP B 6 17.23 13.20 -12.42
CA ASP B 6 15.92 12.81 -11.90
C ASP B 6 15.53 13.77 -10.78
N GLU B 7 16.48 13.96 -9.86
CA GLU B 7 16.33 14.88 -8.76
C GLU B 7 15.98 16.26 -9.30
N SER B 8 16.71 16.76 -10.28
CA SER B 8 16.48 18.11 -10.76
C SER B 8 15.11 18.23 -11.46
N ALA B 9 14.71 17.16 -12.15
CA ALA B 9 13.41 17.11 -12.79
C ALA B 9 12.31 17.18 -11.71
N CYS B 10 12.46 16.34 -10.68
CA CYS B 10 11.45 16.22 -9.62
C CYS B 10 11.27 17.53 -8.86
N LEU B 11 12.38 18.00 -8.33
CA LEU B 11 12.38 19.21 -7.52
C LEU B 11 11.91 20.40 -8.33
N GLN B 12 12.16 20.41 -9.63
CA GLN B 12 11.64 21.53 -10.43
C GLN B 12 10.14 21.42 -10.73
N ALA B 13 9.67 20.25 -11.18
CA ALA B 13 8.24 19.98 -11.31
C ALA B 13 7.52 20.35 -10.01
N ALA B 14 7.97 19.80 -8.90
CA ALA B 14 7.45 20.13 -7.57
C ALA B 14 7.23 21.65 -7.35
N GLU B 15 8.12 22.49 -7.91
CA GLU B 15 8.02 23.98 -7.83
C GLU B 15 6.84 24.53 -8.61
N GLU B 16 6.49 23.88 -9.71
CA GLU B 16 5.27 24.19 -10.50
C GLU B 16 3.92 23.80 -9.83
N MET B 17 3.94 23.14 -8.67
CA MET B 17 2.69 22.80 -7.98
C MET B 17 2.15 23.97 -7.15
N PRO B 18 0.81 24.01 -6.96
CA PRO B 18 0.22 25.07 -6.13
C PRO B 18 0.67 25.02 -4.67
N GLN B 19 0.61 26.16 -4.00
CA GLN B 19 1.02 26.28 -2.58
C GLN B 19 0.08 25.51 -1.64
N THR B 20 -1.19 25.39 -2.05
CA THR B 20 -2.20 24.69 -1.30
C THR B 20 -2.70 23.50 -2.16
N THR B 21 -2.27 22.31 -1.79
CA THR B 21 -2.77 21.09 -2.40
C THR B 21 -3.68 20.44 -1.37
N LEU B 22 -4.64 19.65 -1.84
CA LEU B 22 -5.27 18.64 -0.99
C LEU B 22 -4.33 17.41 -0.98
N GLY B 23 -4.37 16.64 0.09
CA GLY B 23 -3.58 15.44 0.12
C GLY B 23 -2.10 15.75 0.30
N CYS B 24 -1.27 14.93 -0.34
CA CYS B 24 0.15 14.92 -0.08
C CYS B 24 0.87 15.48 -1.29
N PRO B 25 1.66 16.55 -1.09
CA PRO B 25 2.42 17.12 -2.23
C PRO B 25 3.54 16.26 -2.71
N ALA B 26 3.91 16.47 -3.98
CA ALA B 26 4.89 15.69 -4.66
C ALA B 26 6.23 15.88 -3.96
N THR B 27 7.01 14.81 -3.88
CA THR B 27 8.27 14.84 -3.09
C THR B 27 9.36 13.92 -3.62
N TRP B 28 10.59 14.44 -3.60
CA TRP B 28 11.80 13.67 -3.94
C TRP B 28 12.34 13.15 -2.62
N ASP B 29 12.66 11.86 -2.56
CA ASP B 29 13.01 11.23 -1.28
C ASP B 29 14.45 10.71 -1.26
N GLY B 30 15.27 11.21 -2.18
CA GLY B 30 16.63 10.72 -2.42
C GLY B 30 16.77 9.82 -3.64
N LEU B 31 15.71 9.06 -3.96
CA LEU B 31 15.75 8.08 -5.04
C LEU B 31 14.61 8.14 -6.06
N LEU B 32 13.43 8.60 -5.62
CA LEU B 32 12.19 8.54 -6.38
C LEU B 32 11.36 9.82 -6.22
N CYS B 33 10.73 10.23 -7.31
CA CYS B 33 9.84 11.36 -7.31
C CYS B 33 8.40 10.86 -7.03
N TRP B 34 7.90 11.22 -5.87
CA TRP B 34 6.57 10.76 -5.47
C TRP B 34 5.60 11.78 -6.01
N PRO B 35 4.65 11.35 -6.87
CA PRO B 35 3.67 12.32 -7.38
C PRO B 35 2.65 12.71 -6.31
N THR B 36 2.05 13.89 -6.47
CA THR B 36 1.01 14.36 -5.59
C THR B 36 -0.07 13.33 -5.50
N ALA B 37 -0.71 13.26 -4.35
CA ALA B 37 -1.81 12.32 -4.16
C ALA B 37 -2.81 12.89 -3.19
N GLY B 38 -4.02 12.35 -3.21
CA GLY B 38 -5.09 12.78 -2.33
C GLY B 38 -5.09 11.94 -1.06
N SER B 39 -5.68 12.48 0.01
CA SER B 39 -5.82 11.73 1.26
C SER B 39 -6.55 10.44 1.00
N GLY B 40 -6.02 9.36 1.57
CA GLY B 40 -6.56 8.03 1.43
C GLY B 40 -6.23 7.30 0.15
N GLU B 41 -5.26 7.81 -0.60
CA GLU B 41 -4.72 7.19 -1.78
C GLU B 41 -3.29 6.75 -1.49
N TRP B 42 -2.88 5.67 -2.16
CA TRP B 42 -1.47 5.26 -2.08
C TRP B 42 -0.88 5.27 -3.50
N VAL B 43 0.45 5.45 -3.58
CA VAL B 43 1.11 5.55 -4.87
C VAL B 43 2.14 4.42 -4.88
N THR B 44 2.12 3.59 -5.93
CA THR B 44 3.09 2.51 -6.14
C THR B 44 3.96 2.92 -7.30
N LEU B 45 5.28 2.88 -7.09
CA LEU B 45 6.24 3.17 -8.14
C LEU B 45 7.21 2.00 -8.29
N PRO B 46 7.74 1.83 -9.50
CA PRO B 46 8.84 0.88 -9.65
C PRO B 46 10.15 1.46 -9.12
N CYS B 47 11.10 0.58 -8.85
CA CYS B 47 12.44 1.00 -8.46
C CYS B 47 12.99 1.98 -9.49
N PRO B 48 13.88 2.87 -9.06
CA PRO B 48 14.57 3.66 -10.07
C PRO B 48 15.23 2.81 -11.14
N ASP B 49 15.55 3.44 -12.27
CA ASP B 49 16.04 2.79 -13.49
C ASP B 49 17.40 2.05 -13.36
N PHE B 50 18.20 2.38 -12.34
CA PHE B 50 19.45 1.64 -12.10
C PHE B 50 19.18 0.17 -11.75
N PHE B 51 17.92 -0.14 -11.38
CA PHE B 51 17.54 -1.49 -10.94
C PHE B 51 17.51 -2.55 -12.05
N SER B 52 17.38 -2.13 -13.31
CA SER B 52 17.45 -3.02 -14.45
C SER B 52 18.86 -3.65 -14.64
N HIS B 53 19.88 -3.02 -14.07
CA HIS B 53 21.22 -3.63 -14.06
C HIS B 53 21.34 -4.74 -13.00
N PHE B 54 20.34 -4.84 -12.12
CA PHE B 54 20.33 -5.79 -11.00
C PHE B 54 19.12 -6.77 -10.98
N SER B 55 18.21 -6.63 -11.93
CA SER B 55 16.92 -7.32 -11.86
C SER B 55 16.21 -7.18 -13.19
N SER B 56 15.37 -8.16 -13.52
CA SER B 56 14.45 -8.06 -14.67
C SER B 56 13.13 -7.39 -14.22
N GLU B 57 12.81 -7.54 -12.94
CA GLU B 57 11.61 -6.97 -12.33
C GLU B 57 11.76 -5.47 -12.20
N SER B 58 10.62 -4.78 -12.26
CA SER B 58 10.68 -3.33 -12.15
C SER B 58 10.79 -2.92 -10.71
N GLY B 59 10.39 -3.81 -9.79
CA GLY B 59 10.24 -3.45 -8.37
C GLY B 59 8.96 -2.69 -8.05
N ALA B 60 8.65 -2.65 -6.76
CA ALA B 60 7.52 -1.92 -6.24
C ALA B 60 7.89 -1.28 -4.91
N VAL B 61 7.78 0.04 -4.90
CA VAL B 61 7.88 0.86 -3.72
C VAL B 61 6.57 1.64 -3.62
N LYS B 62 6.09 1.82 -2.40
CA LYS B 62 4.78 2.48 -2.20
C LYS B 62 4.83 3.50 -1.07
N ARG B 63 4.01 4.57 -1.17
CA ARG B 63 3.82 5.49 -0.04
C ARG B 63 2.33 5.76 0.08
N ASP B 64 1.80 5.67 1.29
CA ASP B 64 0.40 5.99 1.59
C ASP B 64 0.27 7.47 1.89
N CYS B 65 -0.72 8.13 1.28
CA CYS B 65 -1.03 9.51 1.59
C CYS B 65 -2.13 9.50 2.62
N THR B 66 -1.76 9.73 3.87
CA THR B 66 -2.74 9.76 4.95
C THR B 66 -3.04 11.20 5.27
N ILE B 67 -3.95 11.39 6.20
CA ILE B 67 -4.34 12.72 6.60
C ILE B 67 -3.31 13.40 7.52
N THR B 68 -2.34 12.63 8.05
CA THR B 68 -1.26 13.21 8.81
C THR B 68 -0.01 13.41 7.92
N GLY B 69 -0.12 13.14 6.63
CA GLY B 69 1.03 13.23 5.71
C GLY B 69 1.41 11.93 5.10
N TRP B 70 2.44 11.97 4.27
CA TRP B 70 2.93 10.79 3.61
C TRP B 70 3.48 9.78 4.64
N SER B 71 3.24 8.49 4.39
CA SER B 71 3.96 7.44 5.12
C SER B 71 5.37 7.29 4.53
N GLU B 72 6.26 6.64 5.27
CA GLU B 72 7.55 6.17 4.72
C GLU B 72 7.36 5.22 3.55
N PRO B 73 8.27 5.28 2.53
CA PRO B 73 8.28 4.26 1.49
C PRO B 73 8.35 2.82 2.03
N PHE B 74 7.55 1.95 1.44
CA PHE B 74 7.41 0.59 1.90
C PHE B 74 7.47 -0.37 0.70
N PRO B 75 8.24 -1.46 0.83
CA PRO B 75 9.10 -1.79 1.95
C PRO B 75 10.34 -0.92 1.87
N PRO B 76 11.17 -0.91 2.93
CA PRO B 76 12.37 -0.06 2.88
C PRO B 76 13.17 -0.36 1.59
N TYR B 77 13.96 0.61 1.16
CA TYR B 77 14.72 0.45 -0.09
C TYR B 77 15.68 -0.75 -0.19
N PRO B 78 16.36 -1.12 0.91
CA PRO B 78 17.14 -2.36 0.94
C PRO B 78 16.34 -3.60 0.51
N VAL B 79 15.04 -3.60 0.84
CA VAL B 79 14.11 -4.70 0.51
C VAL B 79 13.44 -4.50 -0.84
N ALA B 80 12.98 -3.29 -1.09
CA ALA B 80 12.27 -2.97 -2.34
C ALA B 80 13.16 -3.08 -3.58
N CYS B 81 14.40 -2.60 -3.45
CA CYS B 81 15.35 -2.46 -4.55
C CYS B 81 16.71 -3.00 -4.09
N PRO B 82 16.87 -4.33 -4.02
CA PRO B 82 18.13 -4.81 -3.45
C PRO B 82 19.30 -4.75 -4.45
N VAL B 83 20.46 -4.29 -3.97
CA VAL B 83 21.66 -4.27 -4.79
C VAL B 83 22.41 -5.59 -4.59
N PRO B 84 23.28 -5.94 -5.54
CA PRO B 84 24.12 -7.15 -5.35
C PRO B 84 24.91 -7.11 -4.01
N LEU B 85 25.07 -8.27 -3.37
CA LEU B 85 25.75 -8.35 -2.08
C LEU B 85 27.25 -8.00 -2.23
N GLU B 86 27.80 -8.16 -3.43
CA GLU B 86 29.22 -7.84 -3.65
C GLU B 86 29.47 -6.33 -3.56
N LEU B 87 28.42 -5.51 -3.76
CA LEU B 87 28.48 -4.05 -3.52
C LEU B 87 28.31 -3.64 -2.06
N LEU B 88 27.84 -4.56 -1.23
CA LEU B 88 27.78 -4.33 0.19
C LEU B 88 29.05 -4.92 0.86
N ALA B 89 29.84 -5.66 0.08
CA ALA B 89 30.99 -6.41 0.58
C ALA B 89 30.51 -7.69 1.29
N GLU B 90 29.34 -8.17 0.87
CA GLU B 90 28.79 -9.47 1.29
C GLU B 90 28.70 -10.41 0.08
MG MG C . -22.08 -11.43 1.44
C1 EDO D . 3.73 -5.90 -3.16
O1 EDO D . 3.92 -6.90 -2.16
C2 EDO D . 4.40 -6.30 -4.47
O2 EDO D . 3.65 -5.73 -5.56
MG MG E . 21.60 2.47 -16.85
MG MG F . 19.50 7.06 -14.10
C1 EDO G . -5.82 2.61 -5.01
O1 EDO G . -4.92 2.74 -6.14
C2 EDO G . -5.35 3.40 -3.78
O2 EDO G . -4.98 4.73 -4.08
#